data_1ET4
#
_entry.id   1ET4
#
_cell.length_a   91.27
_cell.length_b   98.08
_cell.length_c   217.97
_cell.angle_alpha   90
_cell.angle_beta   90
_cell.angle_gamma   90
#
_symmetry.space_group_name_H-M   'I 2 2 2'
#
loop_
_entity.id
_entity.type
_entity.pdbx_description
1 polymer 'RNA APTAMER, 35-MER'
2 non-polymer CYANOCOBALAMIN
3 water water
#
_entity_poly.entity_id   1
_entity_poly.type   'polyribonucleotide'
_entity_poly.pdbx_seq_one_letter_code
;GGAACCGGUGCGCAUAACCACCUCAGUGCGAGCAA
;
_entity_poly.pdbx_strand_id   A,B,C,D,E
#
loop_
_chem_comp.id
_chem_comp.type
_chem_comp.name
_chem_comp.formula
A RNA linking ADENOSINE-5'-MONOPHOSPHATE 'C10 H14 N5 O7 P'
C RNA linking CYTIDINE-5'-MONOPHOSPHATE 'C9 H14 N3 O8 P'
CNC non-polymer CYANOCOBALAMIN 'C63 H89 Co N14 O14 P 2'
G RNA linking GUANOSINE-5'-MONOPHOSPHATE 'C10 H14 N5 O8 P'
U RNA linking URIDINE-5'-MONOPHOSPHATE 'C9 H13 N2 O9 P'
#
# COMPACT_ATOMS: atom_id res chain seq x y z
CO CNC F . 50.37 1.49 7.57
N21 CNC F . 51.40 0.65 8.96
N22 CNC F . 51.82 1.25 6.31
N23 CNC F . 49.12 2.32 6.31
N24 CNC F . 49.03 1.54 8.92
C1 CNC F . 50.84 0.67 10.35
C20 CNC F . 51.24 1.97 11.08
C2 CNC F . 51.54 -0.64 11.02
C25 CNC F . 51.61 -0.55 12.56
C26 CNC F . 50.77 -1.90 10.59
C27 CNC F . 51.37 -3.27 10.89
O28 CNC F . 52.53 -3.61 10.56
N29 CNC F . 50.54 -4.12 11.52
C3 CNC F . 52.90 -0.59 10.29
C30 CNC F . 54.13 0.18 10.85
C31 CNC F . 55.21 -0.82 11.33
C32 CNC F . 56.47 -0.19 11.81
O34 CNC F . 57.49 -0.29 11.09
N33 CNC F . 56.50 0.46 12.96
C4 CNC F . 52.49 -0.07 8.91
C5 CNC F . 53.28 -0.24 7.70
C35 CNC F . 54.43 -1.29 7.79
C6 CNC F . 52.96 0.41 6.50
C7 CNC F . 53.67 0.32 5.07
C36 CNC F . 55.23 0.31 5.11
C37 CNC F . 53.04 -0.94 4.36
C38 CNC F . 53.57 -1.23 2.94
O39 CNC F . 52.80 -1.18 1.98
N40 CNC F . 54.84 -1.55 2.81
C8 CNC F . 53.16 1.65 4.39
C41 CNC F . 54.02 2.92 4.70
C42 CNC F . 53.49 4.31 4.25
C43 CNC F . 54.35 5.49 4.60
O44 CNC F . 55.63 5.47 4.86
N45 CNC F . 53.69 6.68 4.66
C9 CNC F . 51.81 1.77 5.08
C10 CNC F . 50.70 2.37 4.44
C11 CNC F . 49.44 2.54 5.01
C12 CNC F . 48.16 2.91 4.22
C46 CNC F . 47.48 1.62 3.75
C47 CNC F . 48.49 3.70 2.91
C13 CNC F . 47.34 3.54 5.29
C48 CNC F . 47.61 5.02 5.57
C49 CNC F . 46.99 6.06 4.58
C50 CNC F . 46.12 7.02 5.28
O51 CNC F . 45.13 6.59 5.93
N52 CNC F . 46.44 8.33 5.22
C14 CNC F . 47.84 2.74 6.52
C15 CNC F . 47.15 2.59 7.74
C53 CNC F . 45.71 3.14 7.80
C16 CNC F . 47.77 1.96 8.94
C17 CNC F . 47.10 1.60 10.30
C54 CNC F . 46.15 0.40 10.02
C55 CNC F . 46.30 2.68 11.05
C56 CNC F . 46.95 4.02 11.25
C57 CNC F . 45.96 5.06 11.60
O58 CNC F . 45.25 5.55 10.68
N59 CNC F . 45.87 5.42 12.86
C18 CNC F . 48.34 1.25 11.16
C60 CNC F . 48.08 0.27 12.33
C61 CNC F . 48.10 0.99 13.67
O63 CNC F . 47.43 0.40 14.64
N62 CNC F . 48.70 2.04 13.79
C19 CNC F . 49.30 0.73 10.12
C1P CNC F . 44.92 6.44 13.28
C2P CNC F . 45.48 7.82 13.11
C3P CNC F . 44.62 8.88 13.84
O3 CNC F . 46.85 7.79 13.71
O4 CNC F . 47.85 9.79 12.48
O5 CNC F . 49.26 8.11 13.78
P CNC F . 48.07 8.36 12.89
O2 CNC F . 48.03 7.45 11.60
C3R CNC F . 48.86 7.77 10.46
C2R CNC F . 50.15 7.00 10.45
O7R CNC F . 49.98 5.70 11.04
C1R CNC F . 50.39 6.84 8.91
O6R CNC F . 49.08 6.90 8.28
C4R CNC F . 48.13 7.45 9.20
C5R CNC F . 47.37 8.63 8.52
O8R CNC F . 48.27 9.65 7.95
N1B CNC F . 50.98 5.53 8.58
C8B CNC F . 52.38 5.23 8.56
C2B CNC F . 50.33 4.38 8.31
N3B CNC F . 51.12 3.32 8.12
C9B CNC F . 52.43 3.86 8.28
C4B CNC F . 53.73 3.24 8.22
C5B CNC F . 54.89 4.01 8.42
C5M CNC F . 56.26 3.29 8.35
C6B CNC F . 54.81 5.40 8.71
C6M CNC F . 56.08 6.25 8.95
C7B CNC F . 53.52 6.05 8.78
N1A CNC F . 49.41 -1.28 6.80
C1A CNC F . 49.74 -0.22 7.07
CO CNC G . 14.33 -10.63 10.83
N21 CNC G . 14.12 -12.36 10.08
N22 CNC G . 13.27 -11.14 12.38
N23 CNC G . 14.67 -8.80 11.43
N24 CNC G . 15.42 -10.30 9.32
C1 CNC G . 14.63 -12.57 8.69
C20 CNC G . 13.55 -12.20 7.65
C2 CNC G . 14.94 -14.19 8.68
C25 CNC G . 14.90 -14.78 7.25
C26 CNC G . 16.31 -14.49 9.35
C27 CNC G . 16.63 -15.95 9.61
O28 CNC G . 15.92 -16.70 10.30
N29 CNC G . 17.75 -16.39 9.03
C3 CNC G . 13.80 -14.66 9.62
C30 CNC G . 12.43 -15.05 9.04
C31 CNC G . 12.29 -16.58 8.87
C32 CNC G . 10.97 -16.96 8.31
O34 CNC G . 9.97 -17.07 9.09
N33 CNC G . 10.88 -17.17 6.99
C4 CNC G . 13.71 -13.49 10.61
C5 CNC G . 13.14 -13.60 11.94
C35 CNC G . 12.92 -15.04 12.45
C6 CNC G . 12.92 -12.47 12.74
C7 CNC G . 12.37 -12.36 14.20
C36 CNC G . 11.18 -13.30 14.58
C37 CNC G . 13.66 -12.58 15.08
C38 CNC G . 13.43 -12.51 16.58
O39 CNC G . 13.82 -11.51 17.17
N40 CNC G . 12.83 -13.54 17.17
C8 CNC G . 11.89 -10.88 14.27
C41 CNC G . 10.42 -10.64 13.81
C42 CNC G . 9.96 -9.17 13.66
C43 CNC G . 8.57 -9.04 13.21
O44 CNC G . 7.79 -10.01 13.02
N45 CNC G . 8.14 -7.79 12.97
C9 CNC G . 12.87 -10.27 13.28
C10 CNC G . 13.27 -8.95 13.40
C11 CNC G . 14.16 -8.31 12.57
C12 CNC G . 14.77 -6.92 12.92
C46 CNC G . 15.95 -7.12 13.88
C47 CNC G . 13.75 -6.00 13.67
C13 CNC G . 15.26 -6.46 11.57
C48 CNC G . 14.28 -5.59 10.73
C49 CNC G . 14.43 -4.03 10.82
C50 CNC G . 14.99 -3.39 9.57
O51 CNC G . 15.21 -2.16 9.58
N52 CNC G . 15.24 -4.15 8.47
C14 CNC G . 15.44 -7.82 10.84
C15 CNC G . 16.15 -8.00 9.66
C53 CNC G . 16.96 -6.78 9.15
C16 CNC G . 16.16 -9.26 8.90
C17 CNC G . 16.99 -9.63 7.66
C54 CNC G . 18.45 -9.91 8.11
C55 CNC G . 16.94 -8.60 6.50
C56 CNC G . 15.57 -8.04 6.10
C57 CNC G . 15.66 -6.82 5.19
O58 CNC G . 15.80 -5.67 5.70
N59 CNC G . 15.56 -7.07 3.87
C18 CNC G . 16.22 -10.91 7.20
C60 CNC G . 17.03 -11.89 6.28
C61 CNC G . 16.70 -11.66 4.78
O63 CNC G . 17.65 -11.96 3.90
N62 CNC G . 15.62 -11.20 4.49
C19 CNC G . 15.78 -11.50 8.53
C1P CNC G . 15.63 -6.01 2.86
C2P CNC G . 14.36 -5.21 2.75
C3P CNC G . 14.45 -4.04 1.75
O3 CNC G . 13.31 -6.16 2.32
O4 CNC G . 11.46 -4.68 3.23
O5 CNC G . 11.09 -7.17 2.56
P CNC G . 11.98 -6.11 3.17
O2 CNC G . 12.45 -6.50 4.62
C3R CNC G . 11.55 -6.34 5.76
C2R CNC G . 11.12 -7.64 6.35
O7R CNC G . 12.09 -8.65 6.20
C1R CNC G . 10.96 -7.27 7.85
O6R CNC G . 11.82 -6.13 8.09
C4R CNC G . 12.21 -5.54 6.84
C5R CNC G . 11.85 -4.01 6.80
O8R CNC G . 10.86 -3.58 7.83
N1B CNC G . 11.33 -8.43 8.71
C8B CNC G . 10.43 -9.48 9.12
C2B CNC G . 12.55 -8.77 9.19
N3B CNC G . 12.60 -9.94 9.87
C9B CNC G . 11.23 -10.38 9.82
C4B CNC G . 10.60 -11.59 10.34
C5B CNC G . 9.21 -11.79 10.16
C5M CNC G . 8.58 -13.08 10.73
C6B CNC G . 8.41 -10.85 9.45
C6M CNC G . 6.92 -11.07 9.25
C7B CNC G . 9.02 -9.65 8.92
N1A CNC G . 16.75 -11.63 12.36
C1A CNC G . 15.84 -11.23 11.77
CO CNC H . -26.01 6.75 -12.30
N21 CNC H . -27.51 5.60 -12.54
N22 CNC H . -27.17 8.22 -11.77
N23 CNC H . -24.33 7.76 -12.13
N24 CNC H . -25.01 5.20 -12.74
C1 CNC H . -27.26 4.25 -13.14
C20 CNC H . -27.28 4.34 -14.68
C2 CNC H . -28.53 3.38 -12.57
C25 CNC H . -28.90 2.17 -13.47
C26 CNC H . -28.30 2.91 -11.13
C27 CNC H . -29.54 2.35 -10.44
O28 CNC H . -30.40 3.04 -9.89
N29 CNC H . -29.65 1.04 -10.48
C3 CNC H . -29.59 4.48 -12.51
C30 CNC H . -30.55 4.74 -13.71
C31 CNC H . -31.99 4.36 -13.33
C32 CNC H . -32.99 4.60 -14.40
O34 CNC H . -33.75 5.58 -14.29
N33 CNC H . -33.04 3.77 -15.41
C4 CNC H . -28.75 5.71 -12.14
C5 CNC H . -29.30 6.92 -11.53
C35 CNC H . -30.72 6.79 -10.94
C6 CNC H . -28.54 8.09 -11.41
C7 CNC H . -28.95 9.48 -10.75
C36 CNC H . -30.41 9.99 -11.07
C37 CNC H . -28.68 9.26 -9.21
C38 CNC H . -29.02 10.45 -8.33
O39 CNC H . -28.10 11.11 -7.79
N40 CNC H . -30.31 10.69 -8.13
C8 CNC H . -27.90 10.44 -11.39
C41 CNC H . -28.31 11.02 -12.78
C42 CNC H . -27.24 11.80 -13.56
C43 CNC H . -27.67 12.27 -14.87
O44 CNC H . -28.81 12.79 -15.13
N45 CNC H . -26.77 12.09 -15.86
C9 CNC H . -26.74 9.45 -11.59
C10 CNC H . -25.40 9.88 -11.57
C11 CNC H . -24.31 9.06 -11.75
C12 CNC H . -22.89 9.50 -11.41
C46 CNC H . -22.66 9.20 -9.92
C47 CNC H . -22.66 11.06 -11.57
C13 CNC H . -22.09 8.53 -12.27
C48 CNC H . -21.83 8.94 -13.74
C49 CNC H . -20.76 10.07 -14.05
C50 CNC H . -19.55 9.58 -14.78
O51 CNC H . -18.92 8.58 -14.35
N52 CNC H . -19.15 10.25 -15.89
C14 CNC H . -23.05 7.32 -12.30
C15 CNC H . -22.69 6.00 -12.63
C53 CNC H . -21.19 5.69 -12.79
C16 CNC H . -23.69 4.93 -12.82
C17 CNC H . -23.46 3.41 -13.03
C54 CNC H . -23.02 2.84 -11.66
C55 CNC H . -22.45 2.99 -14.12
C56 CNC H . -22.58 3.62 -15.50
C57 CNC H . -21.41 3.29 -16.39
O58 CNC H . -20.34 3.97 -16.29
N59 CNC H . -21.58 2.28 -17.25
C18 CNC H . -24.90 2.95 -13.50
C60 CNC H . -25.23 1.45 -13.29
C61 CNC H . -25.06 0.60 -14.57
O63 CNC H . -25.05 -0.73 -14.38
N62 CNC H . -24.93 1.15 -15.65
C19 CNC H . -25.78 3.91 -12.73
C1P CNC H . -20.53 1.86 -18.17
C2P CNC H . -20.42 2.78 -19.38
C3P CNC H . -19.45 2.18 -20.42
O3 CNC H . -21.78 2.87 -20.00
O4 CNC H . -21.48 5.16 -21.13
O5 CNC H . -23.77 4.00 -20.89
P CNC H . -22.42 4.29 -20.30
O2 CNC H . -22.58 4.94 -18.86
C3R CNC H . -22.95 6.35 -18.75
C2R CNC H . -24.38 6.53 -18.35
O7R CNC H . -24.83 5.45 -17.57
C1R CNC H . -24.30 7.82 -17.48
O6R CNC H . -22.98 7.90 -16.98
C4R CNC H . -22.11 7.02 -17.72
C5R CNC H . -20.94 7.86 -18.32
O8R CNC H . -21.30 9.28 -18.64
N1B CNC H . -25.26 7.78 -16.35
C8B CNC H . -26.64 8.20 -16.40
C2B CNC H . -25.05 7.31 -15.12
N3B CNC H . -26.13 7.33 -14.30
C9B CNC H . -27.14 7.90 -15.14
C4B CNC H . -28.53 8.19 -14.89
C5B CNC H . -29.32 8.75 -15.92
C5M CNC H . -30.81 9.04 -15.62
C6B CNC H . -28.77 9.04 -17.19
C6M CNC H . -29.63 9.66 -18.30
C7B CNC H . -27.40 8.76 -17.45
N1A CNC H . -25.81 5.99 -9.38
C1A CNC H . -25.86 6.28 -10.49
CO CNC I . 2.94 -12.33 4.27
N21 CNC I . 2.73 -12.45 6.18
N22 CNC I . 3.50 -14.16 4.15
N23 CNC I . 3.08 -11.94 2.34
N24 CNC I . 2.27 -10.56 4.54
C1 CNC I . 2.42 -11.19 6.94
C20 CNC I . 3.70 -10.44 7.31
C2 CNC I . 1.65 -11.77 8.27
C25 CNC I . 1.77 -10.81 9.48
C26 CNC I . 0.14 -12.08 7.97
C27 CNC I . -0.68 -12.83 9.02
O28 CNC I . -0.36 -13.93 9.51
N29 CNC I . -1.80 -12.23 9.40
C3 CNC I . 2.40 -13.12 8.41
C30 CNC I . 3.70 -13.25 9.30
C31 CNC I . 3.37 -13.66 10.77
C32 CNC I . 4.58 -13.86 11.63
O34 CNC I . 5.12 -15.00 11.61
N33 CNC I . 5.01 -12.88 12.36
C4 CNC I . 2.67 -13.50 6.96
C5 CNC I . 2.96 -14.86 6.50
C35 CNC I . 2.66 -15.99 7.50
C6 CNC I . 3.37 -15.14 5.19
C7 CNC I . 3.68 -16.53 4.51
C36 CNC I . 4.51 -17.55 5.38
C37 CNC I . 2.28 -17.07 4.09
C38 CNC I . 2.28 -18.45 3.42
O39 CNC I . 2.07 -18.54 2.22
N40 CNC I . 2.49 -19.50 4.21
C8 CNC I . 4.53 -16.08 3.28
C41 CNC I . 6.05 -16.01 3.59
C42 CNC I . 7.01 -15.38 2.57
C43 CNC I . 8.39 -15.42 3.08
O44 CNC I . 8.92 -16.46 3.61
N45 CNC I . 9.09 -14.26 2.99
C9 CNC I . 3.98 -14.70 3.04
C10 CNC I . 3.99 -14.12 1.77
C11 CNC I . 3.50 -12.88 1.45
C12 CNC I . 3.25 -12.39 -0.02
C46 CNC I . 1.85 -12.86 -0.43
C47 CNC I . 4.25 -13.05 -1.04
C13 CNC I . 3.26 -10.91 0.16
C48 CNC I . 4.63 -10.23 0.05
C49 CNC I . 5.11 -9.79 -1.38
C50 CNC I . 5.42 -8.31 -1.44
O51 CNC I . 6.51 -7.92 -1.97
N52 CNC I . 4.49 -7.43 -0.93
C14 CNC I . 2.77 -10.80 1.65
C15 CNC I . 2.24 -9.65 2.24
C53 CNC I . 1.94 -8.45 1.30
C16 CNC I . 1.96 -9.54 3.70
C17 CNC I . 1.25 -8.40 4.49
C54 CNC I . -0.25 -8.50 4.18
C55 CNC I . 1.70 -6.97 4.26
C56 CNC I . 3.17 -6.70 4.30
C57 CNC I . 3.48 -5.42 3.64
O58 CNC I . 3.44 -5.36 2.40
N59 CNC I . 3.76 -4.40 4.45
C18 CNC I . 1.61 -8.78 5.98
C60 CNC I . 0.64 -8.22 7.07
C61 CNC I . 1.20 -6.95 7.77
O63 CNC I . 0.29 -6.11 8.26
N62 CNC I . 2.40 -6.79 7.83
C19 CNC I . 1.68 -10.30 5.89
C1P CNC I . 4.07 -3.07 3.96
C2P CNC I . 5.46 -3.01 3.38
C3P CNC I . 5.78 -1.63 2.75
O3 CNC I . 6.41 -3.24 4.51
O4 CNC I . 8.35 -4.05 3.06
O5 CNC I . 8.30 -4.30 5.61
P CNC I . 7.53 -4.31 4.31
O2 CNC I . 6.73 -5.63 4.13
C3R CNC I . 7.42 -6.79 3.68
C2R CNC I . 7.32 -7.93 4.62
O7R CNC I . 6.07 -7.97 5.32
C1R CNC I . 7.39 -9.12 3.62
O6R CNC I . 6.85 -8.65 2.38
C4R CNC I . 6.85 -7.21 2.38
C5R CNC I . 7.65 -6.68 1.15
O8R CNC I . 8.94 -7.39 0.89
N1B CNC I . 6.62 -10.28 4.08
C8B CNC I . 7.15 -11.36 4.85
C2B CNC I . 5.33 -10.53 3.91
N3B CNC I . 4.88 -11.67 4.49
C9B CNC I . 6.07 -12.19 5.09
C4B CNC I . 6.29 -13.38 5.88
C5B CNC I . 7.59 -13.63 6.36
C5M CNC I . 7.79 -14.92 7.20
C6B CNC I . 8.67 -12.75 6.10
C6M CNC I . 10.07 -13.02 6.61
C7B CNC I . 8.46 -11.58 5.32
N1A CNC I . 0.07 -13.21 4.00
C1A CNC I . 1.17 -12.87 4.07
CO CNC J . -42.11 9.88 -9.62
N21 CNC J . -40.83 9.12 -8.41
N22 CNC J . -40.76 10.05 -10.99
N23 CNC J . -43.60 10.62 -10.68
N24 CNC J . -43.34 9.53 -8.19
C1 CNC J . -41.28 8.90 -6.98
C20 CNC J . -41.10 10.17 -6.13
C2 CNC J . -40.26 7.69 -6.52
C25 CNC J . -40.05 7.64 -4.98
C26 CNC J . -40.79 6.33 -7.06
C27 CNC J . -39.86 5.15 -6.97
O28 CNC J . -38.69 5.16 -7.38
N29 CNC J . -40.41 4.06 -6.43
C3 CNC J . -39.01 8.08 -7.34
C30 CNC J . -37.92 9.03 -6.76
C31 CNC J . -36.63 8.29 -6.35
C32 CNC J . -35.57 9.20 -5.85
O34 CNC J . -34.56 9.41 -6.56
N33 CNC J . -35.71 9.77 -4.67
C4 CNC J . -39.64 8.63 -8.61
C5 CNC J . -38.93 8.74 -9.89
C35 CNC J . -37.61 7.93 -10.00
C6 CNC J . -39.48 9.44 -10.98
C7 CNC J . -38.89 9.65 -12.44
C36 CNC J . -37.36 9.98 -12.52
C37 CNC J . -39.31 8.37 -13.21
C38 CNC J . -38.84 8.37 -14.64
O39 CNC J . -39.63 8.59 -15.55
N40 CNC J . -37.55 8.13 -14.83
C8 CNC J . -39.71 10.88 -12.93
C41 CNC J . -39.05 12.25 -12.58
C42 CNC J . -39.87 13.51 -12.82
C43 CNC J . -39.17 14.73 -12.42
O44 CNC J . -37.91 14.87 -12.44
N45 CNC J . -39.94 15.73 -11.94
C9 CNC J . -40.98 10.69 -12.13
C10 CNC J . -42.22 11.17 -12.60
C11 CNC J . -43.42 11.04 -11.94
C12 CNC J . -44.79 11.29 -12.62
C46 CNC J . -45.26 9.97 -13.26
C47 CNC J . -44.69 12.32 -13.81
C13 CNC J . -45.65 11.61 -11.43
C48 CNC J . -45.66 13.08 -10.94
C49 CNC J . -46.52 14.14 -11.73
C50 CNC J . -47.56 14.81 -10.89
O51 CNC J . -48.44 14.12 -10.32
N52 CNC J . -47.51 16.17 -10.75
C14 CNC J . -44.92 10.76 -10.35
C15 CNC J . -45.48 10.34 -9.13
C53 CNC J . -46.99 10.57 -8.93
C16 CNC J . -44.68 9.69 -8.06
C17 CNC J . -45.16 9.04 -6.75
C54 CNC J . -45.82 7.71 -7.13
C55 CNC J . -46.14 9.84 -5.87
C56 CNC J . -45.80 11.28 -5.56
C57 CNC J . -46.99 12.03 -5.04
O58 CNC J . -47.92 12.34 -5.84
N59 CNC J . -46.96 12.32 -3.73
C18 CNC J . -43.80 8.88 -5.96
C60 CNC J . -43.76 7.75 -4.89
C61 CNC J . -43.96 8.27 -3.46
O63 CNC J . -44.39 7.38 -2.57
N62 CNC J . -43.75 9.44 -3.21
C19 CNC J . -42.83 8.67 -7.11
C1P CNC J . -48.03 13.04 -3.05
C2P CNC J . -47.77 14.54 -3.03
C3P CNC J . -48.74 15.26 -2.07
O3 CNC J . -46.36 14.73 -2.53
O4 CNC J . -45.97 17.03 -3.67
O5 CNC J . -44.08 15.63 -2.63
P CNC J . -45.37 15.65 -3.38
O2 CNC J . -45.30 14.82 -4.72
C3R CNC J . -44.68 15.39 -5.88
C2R CNC J . -43.25 14.93 -6.08
O7R CNC J . -43.02 13.61 -5.56
C1R CNC J . -43.18 14.92 -7.64
O6R CNC J . -44.51 14.73 -8.13
C4R CNC J . -45.47 14.99 -7.09
C5R CNC J . -46.48 16.04 -7.58
O8R CNC J . -45.89 17.37 -7.78
N1B CNC J . -42.33 13.81 -8.13
C8B CNC J . -40.92 13.87 -8.31
C2B CNC J . -42.72 12.59 -8.49
N3B CNC J . -41.73 11.77 -8.90
C9B CNC J . -40.57 12.59 -8.78
C4B CNC J . -39.17 12.31 -9.05
C5B CNC J . -38.23 13.32 -8.84
C5M CNC J . -36.76 12.97 -9.14
C6B CNC J . -38.59 14.64 -8.37
C6M CNC J . -37.55 15.73 -8.14
C7B CNC J . -39.97 14.92 -8.09
N1A CNC J . -42.74 7.17 -10.76
C1A CNC J . -42.51 8.19 -10.31
#